data_3NGL
#
_entry.id   3NGL
#
_cell.length_a   66.333
_cell.length_b   52.868
_cell.length_c   86.099
_cell.angle_alpha   90.00
_cell.angle_beta   97.57
_cell.angle_gamma   90.00
#
_symmetry.space_group_name_H-M   'P 1 21 1'
#
loop_
_entity.id
_entity.type
_entity.pdbx_description
1 polymer 'Bifunctional protein folD'
2 non-polymer 'NADP NICOTINAMIDE-ADENINE-DINUCLEOTIDE PHOSPHATE'
3 water water
#
_entity_poly.entity_id   1
_entity_poly.type   'polypeptide(L)'
_entity_poly.pdbx_seq_one_letter_code
;MKILRGEEIAEKKAENLHGIIERSGLEPSLKLIQIGDNEAASIYARAKIRRGKKIGIAVDLEKYDDISMKDLLKRIDDLA
KDPQINGIMIENPLPKGFDYYEIVRNIPYYKDVDALSPYNQGLIALNREFLVPATPRAVIDIMDYYGYHENTVTIVNRSP
VVGRPLSMMLLNRNYTVSVCHSKTKDIGSMTRSSKIVVVAVGRPGFLNREMVTPGSVVIDVGINYVNDKVVGDANFEDLS
EYVEAITPVPGGVGPITATNILENVVKAAEFQKNNL
;
_entity_poly.pdbx_strand_id   A,C
#
# COMPACT_ATOMS: atom_id res chain seq x y z
N LYS A 2 10.99 -15.23 -24.84
CA LYS A 2 10.11 -16.32 -24.33
C LYS A 2 10.62 -17.03 -23.06
N ILE A 3 11.93 -17.14 -22.88
CA ILE A 3 12.44 -17.59 -21.57
C ILE A 3 13.07 -16.45 -20.82
N LEU A 4 12.40 -16.03 -19.76
CA LEU A 4 12.73 -14.83 -19.05
C LEU A 4 13.78 -15.12 -17.98
N ARG A 5 15.04 -15.09 -18.39
CA ARG A 5 16.16 -15.31 -17.49
C ARG A 5 16.52 -14.07 -16.66
N GLY A 6 17.03 -14.31 -15.47
CA GLY A 6 17.30 -13.25 -14.51
C GLY A 6 18.78 -12.97 -14.27
N GLU A 7 19.65 -13.98 -14.47
CA GLU A 7 21.08 -13.87 -14.25
C GLU A 7 21.74 -12.69 -14.98
N GLU A 8 21.35 -12.47 -16.23
CA GLU A 8 21.96 -11.45 -17.07
C GLU A 8 21.49 -10.06 -16.65
N ILE A 9 20.26 -9.99 -16.12
CA ILE A 9 19.69 -8.76 -15.57
C ILE A 9 20.42 -8.38 -14.24
N ALA A 10 20.70 -9.39 -13.42
CA ALA A 10 21.40 -9.21 -12.15
C ALA A 10 22.82 -8.63 -12.35
N GLU A 11 23.63 -9.30 -13.18
CA GLU A 11 24.93 -8.80 -13.67
C GLU A 11 24.90 -7.36 -14.16
N LYS A 12 23.94 -6.99 -15.00
CA LYS A 12 23.85 -5.59 -15.47
C LYS A 12 23.68 -4.60 -14.32
N LYS A 13 22.71 -4.89 -13.45
CA LYS A 13 22.36 -4.15 -12.26
C LYS A 13 23.62 -3.97 -11.41
N ALA A 14 24.34 -5.07 -11.22
CA ALA A 14 25.51 -5.07 -10.38
C ALA A 14 26.69 -4.31 -11.04
N GLU A 15 26.87 -4.42 -12.37
CA GLU A 15 27.83 -3.55 -13.06
C GLU A 15 27.46 -2.08 -12.89
N ASN A 16 26.20 -1.78 -13.16
CA ASN A 16 25.67 -0.43 -13.01
C ASN A 16 26.01 0.05 -11.59
N LEU A 17 25.88 -0.83 -10.61
CA LEU A 17 26.00 -0.46 -9.23
C LEU A 17 27.46 -0.27 -8.80
N HIS A 18 28.34 -1.18 -9.25
CA HIS A 18 29.79 -1.06 -9.06
C HIS A 18 30.26 0.20 -9.72
N GLY A 19 29.61 0.59 -10.81
CA GLY A 19 29.87 1.88 -11.44
C GLY A 19 29.67 2.96 -10.39
N ILE A 20 28.42 3.15 -10.00
CA ILE A 20 27.96 4.19 -9.05
C ILE A 20 28.74 4.26 -7.73
N ILE A 21 29.41 3.21 -7.32
CA ILE A 21 30.18 3.28 -6.07
C ILE A 21 31.61 3.77 -6.30
N GLU A 22 32.23 3.33 -7.41
CA GLU A 22 33.59 3.72 -7.79
C GLU A 22 33.67 5.21 -7.92
N ARG A 23 32.86 5.71 -8.84
CA ARG A 23 32.80 7.13 -9.18
C ARG A 23 31.71 7.85 -8.38
N SER A 24 31.76 7.68 -7.06
CA SER A 24 30.82 8.32 -6.12
C SER A 24 31.50 8.29 -4.77
N GLY A 25 32.45 7.37 -4.64
CA GLY A 25 33.28 7.24 -3.45
C GLY A 25 32.57 6.73 -2.20
N LEU A 26 31.41 6.10 -2.39
CA LEU A 26 30.65 5.55 -1.29
C LEU A 26 31.30 4.26 -0.85
N GLU A 27 31.12 3.95 0.43
CA GLU A 27 31.57 2.68 0.94
C GLU A 27 30.45 2.03 1.74
N PRO A 28 29.37 1.60 1.05
CA PRO A 28 28.18 1.16 1.78
C PRO A 28 28.41 -0.08 2.62
N SER A 29 27.72 -0.13 3.76
CA SER A 29 27.82 -1.22 4.72
C SER A 29 26.49 -1.84 4.92
N LEU A 30 26.46 -3.16 5.02
CA LEU A 30 25.24 -3.89 5.25
C LEU A 30 25.45 -4.92 6.34
N LYS A 31 24.66 -4.82 7.40
CA LYS A 31 24.65 -5.81 8.45
C LYS A 31 23.51 -6.75 8.18
N LEU A 32 23.74 -8.03 8.45
CA LEU A 32 22.75 -9.06 8.29
C LEU A 32 22.69 -9.73 9.64
N ILE A 33 21.50 -10.16 10.05
CA ILE A 33 21.32 -10.82 11.33
C ILE A 33 20.47 -12.03 11.07
N GLN A 34 20.93 -13.16 11.58
CA GLN A 34 20.28 -14.43 11.38
C GLN A 34 20.14 -15.18 12.70
N ILE A 35 18.95 -15.72 12.89
CA ILE A 35 18.62 -16.44 14.12
C ILE A 35 18.24 -17.88 13.76
N GLY A 36 19.07 -18.82 14.24
CA GLY A 36 18.92 -20.26 13.96
C GLY A 36 19.80 -20.69 12.81
N ASP A 37 19.55 -21.88 12.30
CA ASP A 37 20.23 -22.31 11.07
C ASP A 37 19.14 -22.70 10.09
N ASN A 38 18.57 -21.69 9.44
CA ASN A 38 17.76 -21.90 8.26
C ASN A 38 18.68 -21.91 7.05
N GLU A 39 18.63 -23.01 6.29
CA GLU A 39 19.54 -23.26 5.19
C GLU A 39 19.28 -22.29 4.01
N ALA A 40 18.01 -22.08 3.67
CA ALA A 40 17.63 -21.11 2.65
C ALA A 40 18.17 -19.71 2.97
N ALA A 41 18.01 -19.30 4.22
CA ALA A 41 18.40 -17.99 4.67
C ALA A 41 19.91 -17.79 4.65
N SER A 42 20.63 -18.83 5.07
CA SER A 42 22.10 -18.81 4.98
C SER A 42 22.63 -18.66 3.56
N ILE A 43 21.96 -19.27 2.60
CA ILE A 43 22.36 -19.25 1.18
C ILE A 43 22.12 -17.86 0.63
N TYR A 44 21.01 -17.29 1.10
CA TYR A 44 20.65 -15.91 0.85
C TYR A 44 21.64 -14.95 1.49
N ALA A 45 21.98 -15.18 2.75
CA ALA A 45 23.03 -14.35 3.36
C ALA A 45 24.35 -14.36 2.57
N ARG A 46 24.87 -15.55 2.25
CA ARG A 46 26.16 -15.63 1.57
C ARG A 46 26.14 -15.10 0.13
N ALA A 47 24.99 -15.22 -0.54
CA ALA A 47 24.85 -14.65 -1.87
C ALA A 47 24.98 -13.12 -1.79
N LYS A 48 24.39 -12.54 -0.76
CA LYS A 48 24.51 -11.09 -0.56
C LYS A 48 25.92 -10.65 -0.15
N ILE A 49 26.57 -11.42 0.71
CA ILE A 49 27.97 -11.18 1.02
C ILE A 49 28.89 -11.24 -0.23
N ARG A 50 28.74 -12.32 -1.00
CA ARG A 50 29.48 -12.50 -2.24
C ARG A 50 29.24 -11.44 -3.30
N ARG A 51 27.99 -11.14 -3.61
CA ARG A 51 27.74 -10.09 -4.62
C ARG A 51 28.18 -8.72 -4.10
N GLY A 52 27.98 -8.48 -2.80
CA GLY A 52 28.48 -7.26 -2.16
C GLY A 52 29.97 -7.11 -2.42
N LYS A 53 30.74 -8.13 -2.04
CA LYS A 53 32.18 -8.18 -2.27
C LYS A 53 32.53 -7.80 -3.71
N LYS A 54 31.89 -8.43 -4.69
CA LYS A 54 32.16 -8.13 -6.09
C LYS A 54 31.84 -6.67 -6.48
N ILE A 55 30.75 -6.12 -5.94
CA ILE A 55 30.28 -4.77 -6.25
C ILE A 55 31.07 -3.68 -5.49
N GLY A 56 31.47 -4.00 -4.25
CA GLY A 56 32.19 -3.07 -3.38
C GLY A 56 31.39 -2.66 -2.17
N ILE A 57 30.66 -3.62 -1.60
CA ILE A 57 29.72 -3.34 -0.50
C ILE A 57 30.15 -4.20 0.67
N ALA A 58 30.32 -3.59 1.81
CA ALA A 58 30.73 -4.38 2.92
C ALA A 58 29.47 -5.00 3.54
N VAL A 59 29.40 -6.31 3.55
CA VAL A 59 28.20 -7.00 4.00
C VAL A 59 28.62 -8.01 5.02
N ASP A 60 28.08 -7.93 6.22
CA ASP A 60 28.56 -8.75 7.32
C ASP A 60 27.40 -9.51 7.98
N LEU A 61 27.59 -10.79 8.27
CA LEU A 61 26.51 -11.60 8.80
C LEU A 61 26.72 -11.85 10.28
N GLU A 62 25.71 -11.60 11.11
CA GLU A 62 25.78 -11.92 12.52
C GLU A 62 24.81 -13.06 12.77
N LYS A 63 25.35 -14.26 13.01
CA LYS A 63 24.54 -15.40 13.38
C LYS A 63 24.35 -15.40 14.89
N TYR A 64 23.20 -15.87 15.33
CA TYR A 64 22.92 -16.09 16.75
C TYR A 64 22.11 -17.36 16.89
N ASP A 65 22.58 -18.31 17.69
CA ASP A 65 21.82 -19.54 17.95
C ASP A 65 20.50 -19.22 18.61
N ASP A 66 20.54 -18.35 19.61
CA ASP A 66 19.39 -18.07 20.44
C ASP A 66 19.61 -16.71 21.06
N ILE A 67 18.67 -15.81 20.86
CA ILE A 67 18.80 -14.46 21.39
C ILE A 67 17.46 -14.02 21.96
N SER A 68 17.49 -13.22 23.02
CA SER A 68 16.24 -12.73 23.61
C SER A 68 15.69 -11.60 22.74
N MET A 69 14.40 -11.30 22.89
CA MET A 69 13.88 -10.08 22.31
C MET A 69 14.72 -8.90 22.83
N LYS A 70 14.91 -8.85 24.15
CA LYS A 70 15.67 -7.75 24.80
C LYS A 70 16.99 -7.47 24.09
N ASP A 71 17.84 -8.49 24.00
CA ASP A 71 19.18 -8.33 23.46
C ASP A 71 19.20 -8.00 21.96
N LEU A 72 18.15 -8.47 21.28
CA LEU A 72 18.10 -8.31 19.85
C LEU A 72 17.65 -6.92 19.55
N LEU A 73 16.62 -6.49 20.27
CA LEU A 73 16.17 -5.12 20.11
C LEU A 73 17.32 -4.15 20.40
N LYS A 74 18.07 -4.41 21.48
CA LYS A 74 19.25 -3.61 21.76
C LYS A 74 20.22 -3.63 20.58
N ARG A 75 20.57 -4.81 20.10
CA ARG A 75 21.58 -4.91 19.04
C ARG A 75 21.24 -4.04 17.84
N ILE A 76 19.96 -4.06 17.44
CA ILE A 76 19.42 -3.26 16.34
C ILE A 76 19.48 -1.78 16.63
N ASP A 77 19.14 -1.44 17.86
CA ASP A 77 19.26 -0.10 18.37
C ASP A 77 20.71 0.42 18.25
N ASP A 78 21.69 -0.39 18.66
CA ASP A 78 23.10 0.03 18.49
C ASP A 78 23.54 0.20 17.02
N LEU A 79 23.03 -0.70 16.17
CA LEU A 79 23.27 -0.66 14.72
C LEU A 79 22.56 0.52 14.04
N ALA A 80 21.34 0.82 14.47
CA ALA A 80 20.56 1.94 13.96
C ALA A 80 21.27 3.28 14.19
N LYS A 81 21.86 3.42 15.37
CA LYS A 81 22.57 4.65 15.76
C LYS A 81 23.94 4.78 15.10
N ASP A 82 24.55 3.65 14.74
CA ASP A 82 25.87 3.65 14.13
C ASP A 82 25.93 4.21 12.69
N PRO A 83 26.52 5.40 12.50
CA PRO A 83 26.55 6.04 11.17
C PRO A 83 27.44 5.36 10.16
N GLN A 84 28.28 4.41 10.57
CA GLN A 84 29.03 3.63 9.57
C GLN A 84 28.24 2.41 9.07
N ILE A 85 27.07 2.14 9.67
CA ILE A 85 26.15 1.06 9.19
C ILE A 85 25.01 1.63 8.34
N ASN A 86 25.06 1.46 7.02
CA ASN A 86 24.02 2.09 6.16
C ASN A 86 22.75 1.26 6.02
N GLY A 87 22.90 -0.04 5.88
CA GLY A 87 21.77 -0.92 5.86
C GLY A 87 21.80 -1.93 6.98
N ILE A 88 20.61 -2.18 7.53
CA ILE A 88 20.33 -3.30 8.41
C ILE A 88 19.20 -4.20 7.87
N MET A 89 19.47 -5.51 7.83
CA MET A 89 18.50 -6.53 7.43
C MET A 89 18.44 -7.77 8.34
N ILE A 90 17.23 -8.11 8.82
CA ILE A 90 16.97 -9.38 9.55
C ILE A 90 16.43 -10.46 8.61
N GLU A 91 17.07 -11.62 8.65
CA GLU A 91 16.72 -12.72 7.78
C GLU A 91 15.49 -13.50 8.31
N ASN A 92 14.85 -14.28 7.45
CA ASN A 92 13.66 -15.03 7.79
C ASN A 92 13.86 -16.48 7.36
N PRO A 93 13.13 -17.42 7.99
CA PRO A 93 12.16 -17.23 9.10
C PRO A 93 12.82 -16.95 10.44
N LEU A 94 12.00 -16.56 11.41
CA LEU A 94 12.44 -16.33 12.79
C LEU A 94 11.89 -17.45 13.66
N PRO A 95 12.32 -17.55 14.93
CA PRO A 95 11.67 -18.58 15.74
C PRO A 95 10.29 -18.09 16.19
N LYS A 96 9.54 -18.98 16.83
CA LYS A 96 8.18 -18.69 17.30
C LYS A 96 8.18 -17.46 18.19
N GLY A 97 7.08 -16.70 18.18
CA GLY A 97 6.90 -15.53 19.05
C GLY A 97 7.77 -14.30 18.73
N PHE A 98 8.69 -14.47 17.79
CA PHE A 98 9.45 -13.33 17.27
C PHE A 98 8.75 -12.84 16.02
N ASP A 99 8.13 -11.66 16.11
CA ASP A 99 7.37 -11.02 15.00
C ASP A 99 8.21 -10.03 14.17
N TYR A 100 8.40 -10.37 12.91
CA TYR A 100 9.22 -9.59 12.00
C TYR A 100 8.85 -8.13 11.96
N TYR A 101 7.54 -7.84 11.87
CA TYR A 101 7.05 -6.47 11.58
C TYR A 101 7.13 -5.47 12.72
N GLU A 102 7.19 -5.94 13.97
CA GLU A 102 7.50 -5.04 15.10
C GLU A 102 8.99 -4.89 15.32
N ILE A 103 9.74 -5.99 15.27
CA ILE A 103 11.21 -5.93 15.37
C ILE A 103 11.77 -4.93 14.36
N VAL A 104 11.35 -5.10 13.12
CA VAL A 104 11.86 -4.38 11.97
C VAL A 104 11.57 -2.86 12.02
N ARG A 105 10.76 -2.44 12.99
CA ARG A 105 10.22 -1.10 13.00
C ARG A 105 11.15 -0.15 13.74
N ASN A 106 12.15 -0.72 14.41
CA ASN A 106 13.08 0.04 15.21
C ASN A 106 14.35 0.27 14.43
N ILE A 107 14.30 -0.16 13.16
CA ILE A 107 15.29 0.15 12.15
C ILE A 107 14.77 1.37 11.39
N PRO A 108 15.54 2.49 11.43
CA PRO A 108 15.14 3.67 10.68
C PRO A 108 14.96 3.29 9.21
N TYR A 109 13.95 3.88 8.57
CA TYR A 109 13.53 3.44 7.25
C TYR A 109 14.59 3.58 6.17
N TYR A 110 15.48 4.54 6.36
CA TYR A 110 16.61 4.74 5.44
C TYR A 110 17.75 3.78 5.77
N LYS A 111 17.55 2.87 6.74
CA LYS A 111 18.43 1.71 6.86
C LYS A 111 17.71 0.40 6.54
N ASP A 112 16.44 0.52 6.18
CA ASP A 112 15.57 -0.65 6.07
C ASP A 112 15.71 -1.34 4.71
N VAL A 113 16.82 -2.03 4.46
CA VAL A 113 17.08 -2.49 3.08
C VAL A 113 16.11 -3.53 2.51
N ASP A 114 15.42 -4.26 3.38
CA ASP A 114 14.42 -5.26 3.02
C ASP A 114 13.13 -4.55 2.64
N ALA A 115 12.99 -3.33 3.13
CA ALA A 115 11.94 -2.38 2.67
C ALA A 115 10.53 -2.81 2.95
N LEU A 116 10.35 -3.50 4.06
CA LEU A 116 9.08 -4.12 4.44
C LEU A 116 8.57 -3.46 5.71
N SER A 117 9.30 -2.48 6.24
CA SER A 117 8.81 -1.69 7.40
C SER A 117 7.65 -0.79 6.99
N PRO A 118 6.81 -0.37 7.97
CA PRO A 118 5.64 0.39 7.60
C PRO A 118 5.91 1.67 6.87
N TYR A 119 7.00 2.33 7.20
CA TYR A 119 7.25 3.64 6.60
C TYR A 119 7.59 3.49 5.14
N ASN A 120 8.42 2.49 4.82
CA ASN A 120 8.79 2.19 3.44
C ASN A 120 7.64 1.69 2.56
N GLN A 121 6.77 0.85 3.12
CA GLN A 121 5.57 0.39 2.43
C GLN A 121 4.70 1.61 2.23
N GLY A 122 4.68 2.47 3.23
CA GLY A 122 3.99 3.73 3.13
C GLY A 122 4.38 4.54 1.92
N LEU A 123 5.68 4.78 1.73
CA LEU A 123 6.11 5.62 0.62
C LEU A 123 5.87 4.96 -0.72
N ILE A 124 5.82 3.64 -0.74
CA ILE A 124 5.59 2.92 -1.99
C ILE A 124 4.12 3.13 -2.41
N ALA A 125 3.21 2.77 -1.52
CA ALA A 125 1.82 3.22 -1.53
C ALA A 125 1.61 4.63 -2.04
N LEU A 126 2.41 5.57 -1.56
CA LEU A 126 2.22 6.96 -1.93
C LEU A 126 2.99 7.40 -3.19
N ASN A 127 3.58 6.45 -3.91
CA ASN A 127 4.32 6.73 -5.14
C ASN A 127 5.52 7.65 -4.94
N ARG A 128 6.20 7.47 -3.81
CA ARG A 128 7.45 8.16 -3.63
C ARG A 128 8.46 7.15 -3.25
N GLU A 129 8.52 6.08 -4.07
CA GLU A 129 9.44 4.97 -3.77
C GLU A 129 10.80 5.49 -3.35
N PHE A 130 11.28 4.95 -2.24
CA PHE A 130 12.63 5.19 -1.82
C PHE A 130 13.34 3.83 -1.81
N LEU A 131 13.19 3.03 -0.76
CA LEU A 131 13.75 1.67 -0.65
C LEU A 131 12.59 0.72 -0.94
N VAL A 132 12.74 -0.22 -1.86
CA VAL A 132 11.61 -1.05 -2.31
C VAL A 132 11.99 -2.54 -2.12
N PRO A 133 11.03 -3.42 -1.73
CA PRO A 133 11.38 -4.80 -1.43
C PRO A 133 11.96 -5.46 -2.65
N ALA A 134 12.84 -6.44 -2.38
CA ALA A 134 13.69 -7.06 -3.37
C ALA A 134 12.97 -7.94 -4.42
N THR A 135 11.95 -8.67 -4.02
CA THR A 135 11.18 -9.51 -4.94
C THR A 135 10.24 -8.68 -5.84
N PRO A 136 9.39 -7.83 -5.25
CA PRO A 136 8.58 -7.02 -6.18
C PRO A 136 9.47 -6.26 -7.14
N ARG A 137 10.59 -5.79 -6.62
CA ARG A 137 11.60 -5.15 -7.47
C ARG A 137 12.03 -6.05 -8.62
N ALA A 138 12.29 -7.30 -8.28
CA ALA A 138 12.84 -8.20 -9.22
C ALA A 138 11.82 -8.55 -10.32
N VAL A 139 10.53 -8.38 -10.05
CA VAL A 139 9.45 -8.73 -11.01
C VAL A 139 9.39 -7.62 -12.07
N ILE A 140 9.47 -6.38 -11.58
CA ILE A 140 9.51 -5.25 -12.46
C ILE A 140 10.80 -5.21 -13.29
N ASP A 141 11.92 -5.58 -12.69
CA ASP A 141 13.16 -5.76 -13.45
C ASP A 141 12.92 -6.62 -14.67
N ILE A 142 12.26 -7.77 -14.50
CA ILE A 142 12.04 -8.66 -15.63
C ILE A 142 11.26 -7.95 -16.72
N MET A 143 10.29 -7.16 -16.28
CA MET A 143 9.38 -6.48 -17.18
C MET A 143 10.14 -5.41 -17.98
N ASP A 144 10.89 -4.61 -17.24
CA ASP A 144 11.72 -3.56 -17.79
C ASP A 144 12.68 -4.10 -18.79
N TYR A 145 13.38 -5.15 -18.39
CA TYR A 145 14.40 -5.76 -19.21
C TYR A 145 13.85 -6.45 -20.48
N TYR A 146 12.65 -7.04 -20.43
CA TYR A 146 12.17 -7.84 -21.60
C TYR A 146 11.16 -7.12 -22.44
N GLY A 147 10.69 -5.95 -21.97
CA GLY A 147 9.93 -5.00 -22.76
C GLY A 147 8.42 -4.98 -22.54
N TYR A 148 7.97 -5.21 -21.31
CA TYR A 148 6.54 -5.22 -20.97
C TYR A 148 6.10 -3.98 -20.18
N HIS A 149 5.20 -3.20 -20.79
CA HIS A 149 4.78 -1.91 -20.26
C HIS A 149 3.29 -1.73 -20.44
N GLU A 150 2.65 -0.99 -19.54
CA GLU A 150 1.25 -0.63 -19.66
C GLU A 150 0.19 -1.74 -19.78
N ASN A 151 0.54 -2.92 -19.28
CA ASN A 151 -0.31 -4.10 -19.33
C ASN A 151 -1.16 -4.28 -18.09
N THR A 152 -2.14 -5.16 -18.24
CA THR A 152 -2.92 -5.68 -17.14
C THR A 152 -2.07 -6.76 -16.51
N VAL A 153 -2.05 -6.74 -15.19
CA VAL A 153 -1.33 -7.73 -14.43
C VAL A 153 -2.28 -8.31 -13.38
N THR A 154 -2.28 -9.64 -13.26
CA THR A 154 -2.93 -10.30 -12.11
C THR A 154 -1.84 -10.85 -11.18
N ILE A 155 -1.91 -10.52 -9.89
CA ILE A 155 -0.95 -11.07 -8.92
C ILE A 155 -1.71 -12.12 -8.15
N VAL A 156 -1.23 -13.37 -8.12
CA VAL A 156 -1.84 -14.36 -7.22
C VAL A 156 -0.92 -14.48 -5.98
N ASN A 157 -1.27 -13.70 -4.96
CA ASN A 157 -0.49 -13.50 -3.72
C ASN A 157 -0.87 -12.13 -3.22
N ARG A 158 -1.02 -12.00 -1.90
CA ARG A 158 -1.33 -10.72 -1.26
C ARG A 158 -0.53 -10.55 0.03
N SER A 159 0.67 -11.11 0.04
CA SER A 159 1.50 -11.01 1.20
C SER A 159 2.21 -9.63 1.23
N PRO A 160 2.64 -9.18 2.42
CA PRO A 160 3.44 -7.93 2.61
C PRO A 160 4.74 -7.94 1.85
N VAL A 161 5.27 -9.14 1.56
CA VAL A 161 6.57 -9.28 0.92
C VAL A 161 6.48 -9.35 -0.58
N VAL A 162 5.33 -9.78 -1.10
CA VAL A 162 5.27 -9.87 -2.54
C VAL A 162 4.16 -8.99 -3.13
N GLY A 163 2.91 -9.45 -3.03
CA GLY A 163 1.83 -8.95 -3.88
C GLY A 163 1.29 -7.57 -3.52
N ARG A 164 1.41 -7.19 -2.25
CA ARG A 164 0.97 -5.90 -1.83
C ARG A 164 1.90 -4.73 -2.25
N PRO A 165 3.19 -4.78 -1.83
CA PRO A 165 4.08 -3.74 -2.39
C PRO A 165 4.20 -3.81 -3.92
N LEU A 166 4.23 -5.02 -4.49
CA LEU A 166 4.22 -5.18 -5.95
C LEU A 166 3.01 -4.52 -6.57
N SER A 167 1.84 -4.71 -5.98
CA SER A 167 0.68 -4.11 -6.62
C SER A 167 0.86 -2.57 -6.69
N MET A 168 1.40 -1.99 -5.59
CA MET A 168 1.63 -0.55 -5.46
C MET A 168 2.78 -0.10 -6.37
N MET A 169 3.81 -0.92 -6.54
CA MET A 169 4.88 -0.56 -7.48
C MET A 169 4.35 -0.61 -8.92
N LEU A 170 3.44 -1.54 -9.24
CA LEU A 170 2.94 -1.63 -10.63
C LEU A 170 2.05 -0.44 -10.98
N LEU A 171 1.28 0.01 -9.99
CA LEU A 171 0.48 1.18 -10.19
C LEU A 171 1.37 2.42 -10.34
N ASN A 172 2.52 2.46 -9.65
CA ASN A 172 3.39 3.63 -9.78
C ASN A 172 3.94 3.72 -11.19
N ARG A 173 3.82 2.63 -11.96
CA ARG A 173 4.43 2.54 -13.27
C ARG A 173 3.43 2.41 -14.39
N ASN A 174 2.17 2.74 -14.09
CA ASN A 174 1.05 2.71 -15.05
C ASN A 174 0.46 1.34 -15.47
N TYR A 175 0.76 0.28 -14.73
CA TYR A 175 0.17 -1.03 -15.03
C TYR A 175 -1.22 -1.02 -14.51
N THR A 176 -2.07 -1.87 -15.09
CA THR A 176 -3.44 -2.13 -14.56
C THR A 176 -3.40 -3.41 -13.68
N VAL A 177 -3.99 -3.37 -12.49
CA VAL A 177 -3.60 -4.34 -11.48
C VAL A 177 -4.76 -5.05 -10.80
N SER A 178 -4.73 -6.37 -10.84
CA SER A 178 -5.66 -7.17 -10.09
C SER A 178 -4.85 -7.98 -9.08
N VAL A 179 -5.33 -8.06 -7.83
CA VAL A 179 -4.67 -8.93 -6.88
C VAL A 179 -5.64 -9.96 -6.43
N CYS A 180 -5.23 -11.20 -6.39
CA CYS A 180 -6.07 -12.22 -5.79
C CYS A 180 -5.33 -13.30 -4.98
N HIS A 181 -6.11 -14.23 -4.42
CA HIS A 181 -5.70 -14.89 -3.20
C HIS A 181 -6.62 -16.10 -2.93
N SER A 182 -6.42 -16.77 -1.79
CA SER A 182 -7.05 -18.08 -1.51
C SER A 182 -8.57 -18.00 -1.33
N LYS A 183 -9.04 -16.78 -1.09
CA LYS A 183 -10.43 -16.39 -0.96
C LYS A 183 -11.08 -15.83 -2.27
N THR A 184 -10.34 -15.87 -3.38
CA THR A 184 -10.95 -15.55 -4.68
C THR A 184 -11.72 -16.74 -5.26
N LYS A 185 -12.99 -16.56 -5.55
CA LYS A 185 -13.77 -17.68 -6.07
C LYS A 185 -13.30 -18.18 -7.42
N ASP A 186 -12.83 -17.27 -8.26
CA ASP A 186 -12.62 -17.63 -9.63
C ASP A 186 -11.35 -17.08 -10.22
N ILE A 187 -10.23 -17.57 -9.73
CA ILE A 187 -8.94 -17.04 -10.17
C ILE A 187 -8.69 -17.14 -11.70
N GLY A 188 -8.87 -18.34 -12.27
CA GLY A 188 -8.71 -18.63 -13.71
C GLY A 188 -9.24 -17.59 -14.67
N SER A 189 -10.42 -17.08 -14.36
CA SER A 189 -11.08 -15.99 -15.07
C SER A 189 -10.20 -14.72 -15.11
N MET A 190 -9.51 -14.44 -14.01
CA MET A 190 -8.76 -13.20 -13.87
C MET A 190 -7.40 -13.35 -14.50
N THR A 191 -6.78 -14.52 -14.27
CA THR A 191 -5.48 -14.79 -14.83
C THR A 191 -5.47 -14.96 -16.40
N ARG A 192 -6.58 -15.41 -17.00
CA ARG A 192 -6.74 -15.56 -18.48
C ARG A 192 -6.96 -14.18 -19.10
N SER A 193 -7.50 -13.24 -18.32
CA SER A 193 -7.83 -11.92 -18.88
C SER A 193 -6.70 -10.85 -18.86
N SER A 194 -5.61 -11.11 -18.11
CA SER A 194 -4.49 -10.19 -17.94
C SER A 194 -3.36 -10.43 -18.94
N LYS A 195 -2.56 -9.43 -19.31
CA LYS A 195 -1.43 -9.79 -20.18
C LYS A 195 -0.45 -10.61 -19.37
N ILE A 196 -0.11 -10.12 -18.19
CA ILE A 196 0.92 -10.70 -17.33
C ILE A 196 0.27 -11.38 -16.13
N VAL A 197 0.81 -12.52 -15.75
CA VAL A 197 0.44 -13.16 -14.51
C VAL A 197 1.69 -13.28 -13.63
N VAL A 198 1.69 -12.61 -12.48
CA VAL A 198 2.72 -12.85 -11.46
C VAL A 198 2.13 -13.80 -10.42
N VAL A 199 2.80 -14.95 -10.19
CA VAL A 199 2.30 -15.99 -9.29
C VAL A 199 3.23 -16.38 -8.15
N ALA A 200 2.69 -16.35 -6.94
CA ALA A 200 3.47 -16.59 -5.73
C ALA A 200 2.56 -17.23 -4.68
N VAL A 201 2.14 -18.46 -4.92
CA VAL A 201 1.26 -19.16 -3.99
C VAL A 201 1.99 -20.21 -3.17
N GLY A 202 3.18 -20.61 -3.63
CA GLY A 202 3.99 -21.67 -3.00
C GLY A 202 3.26 -23.00 -3.09
N ARG A 203 2.99 -23.44 -4.31
CA ARG A 203 2.26 -24.63 -4.54
C ARG A 203 2.65 -25.13 -5.92
N PRO A 204 3.45 -26.19 -6.00
CA PRO A 204 3.79 -26.67 -7.35
C PRO A 204 2.58 -27.00 -8.22
N GLY A 205 2.72 -26.78 -9.52
CA GLY A 205 1.67 -27.16 -10.44
C GLY A 205 0.45 -26.27 -10.47
N PHE A 206 0.34 -25.31 -9.55
CA PHE A 206 -0.76 -24.35 -9.48
C PHE A 206 -1.14 -23.66 -10.83
N LEU A 207 -0.20 -22.98 -11.46
CA LEU A 207 -0.49 -22.30 -12.68
C LEU A 207 -0.28 -23.31 -13.77
N ASN A 208 -1.39 -23.81 -14.32
CA ASN A 208 -1.37 -24.72 -15.47
C ASN A 208 -2.06 -23.99 -16.61
N ARG A 209 -2.16 -24.66 -17.75
CA ARG A 209 -2.65 -24.09 -19.00
C ARG A 209 -4.02 -23.44 -18.86
N GLU A 210 -4.87 -24.06 -18.05
CA GLU A 210 -6.22 -23.52 -17.80
C GLU A 210 -6.33 -22.11 -17.25
N MET A 211 -5.22 -21.62 -16.66
CA MET A 211 -5.12 -20.34 -15.96
C MET A 211 -4.59 -19.23 -16.86
N VAL A 212 -4.14 -19.56 -18.07
CA VAL A 212 -3.43 -18.63 -18.96
C VAL A 212 -3.85 -18.78 -20.44
N THR A 213 -3.59 -17.78 -21.29
CA THR A 213 -3.84 -17.85 -22.73
C THR A 213 -2.53 -17.87 -23.53
N PRO A 214 -2.59 -18.12 -24.86
CA PRO A 214 -1.35 -17.98 -25.68
C PRO A 214 -0.66 -16.60 -25.62
N GLY A 215 -1.40 -15.54 -25.33
CA GLY A 215 -0.75 -14.24 -25.16
C GLY A 215 -0.10 -13.99 -23.79
N SER A 216 -0.05 -15.00 -22.90
CA SER A 216 0.28 -14.78 -21.50
C SER A 216 1.76 -14.61 -21.30
N VAL A 217 2.11 -13.75 -20.36
CA VAL A 217 3.48 -13.64 -19.88
C VAL A 217 3.40 -14.00 -18.44
N VAL A 218 4.19 -15.00 -18.07
CA VAL A 218 4.14 -15.64 -16.75
C VAL A 218 5.42 -15.39 -15.94
N ILE A 219 5.26 -14.82 -14.73
CA ILE A 219 6.40 -14.47 -13.90
C ILE A 219 6.22 -15.29 -12.62
N ASP A 220 7.06 -16.32 -12.47
CA ASP A 220 6.87 -17.31 -11.42
C ASP A 220 7.70 -16.97 -10.19
N VAL A 221 7.03 -16.50 -9.15
CA VAL A 221 7.75 -16.09 -7.93
C VAL A 221 7.87 -17.25 -6.93
N GLY A 222 7.15 -18.33 -7.12
CA GLY A 222 7.14 -19.40 -6.09
C GLY A 222 8.47 -20.13 -5.96
N ILE A 223 8.79 -20.63 -4.77
CA ILE A 223 9.92 -21.56 -4.60
C ILE A 223 9.46 -22.76 -3.77
N ASN A 224 9.46 -23.91 -4.40
CA ASN A 224 9.05 -25.15 -3.75
C ASN A 224 10.11 -26.25 -3.87
N TYR A 225 10.25 -27.04 -2.82
CA TYR A 225 11.14 -28.23 -2.88
C TYR A 225 10.32 -29.51 -3.01
N VAL A 226 10.45 -30.19 -4.15
CA VAL A 226 9.76 -31.46 -4.38
C VAL A 226 10.72 -32.45 -5.02
N ASN A 227 11.11 -33.46 -4.24
CA ASN A 227 12.12 -34.46 -4.63
C ASN A 227 13.53 -33.90 -4.70
N ASP A 228 13.93 -33.26 -3.58
CA ASP A 228 15.25 -32.59 -3.41
C ASP A 228 15.57 -31.54 -4.49
N LYS A 229 14.55 -31.21 -5.26
CA LYS A 229 14.60 -30.47 -6.53
C LYS A 229 13.88 -29.16 -6.26
N VAL A 230 14.22 -28.07 -6.95
CA VAL A 230 13.52 -26.78 -6.74
C VAL A 230 12.66 -26.37 -7.92
N VAL A 231 11.42 -25.99 -7.61
CA VAL A 231 10.42 -25.78 -8.64
C VAL A 231 9.50 -24.62 -8.23
N GLY A 232 8.91 -23.96 -9.22
CA GLY A 232 8.05 -22.80 -8.96
C GLY A 232 6.58 -23.15 -8.80
N ASP A 233 5.67 -22.20 -9.04
CA ASP A 233 4.24 -22.43 -8.92
C ASP A 233 3.61 -22.82 -10.26
N ALA A 234 4.39 -22.68 -11.33
CA ALA A 234 3.88 -22.84 -12.69
C ALA A 234 4.36 -24.14 -13.32
N ASN A 235 3.48 -24.79 -14.07
CA ASN A 235 3.87 -26.00 -14.80
C ASN A 235 4.77 -25.67 -15.95
N PHE A 236 6.03 -25.39 -15.66
CA PHE A 236 6.92 -24.73 -16.60
C PHE A 236 6.95 -25.39 -17.94
N GLU A 237 7.14 -26.71 -17.93
CA GLU A 237 7.22 -27.47 -19.15
C GLU A 237 5.93 -27.31 -19.98
N ASP A 238 4.75 -27.63 -19.39
CA ASP A 238 3.40 -27.43 -20.00
C ASP A 238 3.20 -26.07 -20.70
N LEU A 239 3.57 -24.98 -20.04
CA LEU A 239 3.24 -23.64 -20.52
C LEU A 239 4.22 -23.07 -21.56
N SER A 240 5.47 -23.56 -21.55
CA SER A 240 6.54 -22.87 -22.27
C SER A 240 6.32 -23.03 -23.76
N GLU A 241 5.55 -24.06 -24.12
CA GLU A 241 5.09 -24.29 -25.47
C GLU A 241 3.73 -23.65 -25.84
N TYR A 242 3.08 -23.01 -24.86
CA TYR A 242 1.76 -22.41 -25.08
C TYR A 242 1.79 -20.88 -24.87
N VAL A 243 2.34 -20.47 -23.75
CA VAL A 243 2.39 -19.10 -23.27
C VAL A 243 3.40 -18.24 -24.11
N GLU A 244 3.23 -16.92 -24.14
CA GLU A 244 4.15 -16.07 -24.91
C GLU A 244 5.53 -15.99 -24.31
N ALA A 245 5.62 -15.88 -22.97
CA ALA A 245 6.92 -15.79 -22.27
C ALA A 245 6.79 -16.27 -20.81
N ILE A 246 7.85 -16.91 -20.30
CA ILE A 246 7.80 -17.45 -18.92
C ILE A 246 9.17 -17.49 -18.21
N THR A 247 9.17 -17.14 -16.93
CA THR A 247 10.38 -17.17 -16.13
C THR A 247 10.63 -18.57 -15.65
N PRO A 248 11.82 -19.11 -15.89
CA PRO A 248 12.02 -20.45 -15.31
C PRO A 248 12.30 -20.32 -13.80
N VAL A 249 12.22 -21.43 -13.09
CA VAL A 249 12.50 -21.52 -11.68
C VAL A 249 13.31 -22.79 -11.49
N PRO A 250 14.59 -22.68 -11.04
CA PRO A 250 15.35 -21.48 -10.67
C PRO A 250 15.78 -20.75 -11.90
N GLY A 251 16.24 -19.51 -11.75
CA GLY A 251 16.82 -18.76 -12.85
C GLY A 251 16.00 -17.59 -13.36
N GLY A 252 14.80 -17.39 -12.81
CA GLY A 252 14.00 -16.19 -13.17
C GLY A 252 14.16 -14.99 -12.26
N VAL A 253 13.20 -14.83 -11.35
CA VAL A 253 13.20 -13.74 -10.36
C VAL A 253 14.40 -13.88 -9.41
N GLY A 254 14.65 -15.09 -8.96
CA GLY A 254 15.62 -15.44 -7.93
C GLY A 254 17.06 -14.95 -8.09
N PRO A 255 17.66 -15.06 -9.28
CA PRO A 255 18.99 -14.56 -9.27
C PRO A 255 19.09 -13.05 -9.00
N ILE A 256 17.98 -12.32 -8.96
CA ILE A 256 18.08 -10.85 -8.94
C ILE A 256 18.02 -10.26 -7.51
N THR A 257 17.24 -10.96 -6.69
CA THR A 257 16.87 -10.60 -5.32
C THR A 257 18.02 -9.96 -4.53
N ALA A 258 19.11 -10.72 -4.45
CA ALA A 258 20.23 -10.39 -3.61
C ALA A 258 20.75 -9.04 -3.99
N THR A 259 20.86 -8.81 -5.30
CA THR A 259 21.44 -7.62 -5.87
C THR A 259 20.46 -6.48 -5.58
N ASN A 260 19.17 -6.78 -5.49
CA ASN A 260 18.19 -5.72 -5.27
C ASN A 260 18.20 -5.34 -3.83
N ILE A 261 18.57 -6.26 -2.98
CA ILE A 261 18.95 -5.85 -1.65
C ILE A 261 20.19 -4.93 -1.63
N LEU A 262 21.23 -5.30 -2.34
CA LEU A 262 22.36 -4.43 -2.39
C LEU A 262 21.95 -3.11 -3.02
N GLU A 263 21.12 -3.15 -4.06
CA GLU A 263 20.65 -1.88 -4.60
C GLU A 263 20.09 -0.93 -3.51
N ASN A 264 19.29 -1.46 -2.61
CA ASN A 264 18.75 -0.71 -1.51
C ASN A 264 19.82 -0.18 -0.56
N VAL A 265 20.83 -0.99 -0.20
CA VAL A 265 21.97 -0.51 0.58
C VAL A 265 22.75 0.65 -0.07
N VAL A 266 22.89 0.66 -1.38
CA VAL A 266 23.48 1.82 -2.05
C VAL A 266 22.59 3.08 -1.94
N LYS A 267 21.32 2.98 -2.31
CA LYS A 267 20.39 4.11 -2.12
C LYS A 267 20.40 4.65 -0.68
N ALA A 268 20.48 3.74 0.29
CA ALA A 268 20.41 4.13 1.71
C ALA A 268 21.65 4.90 2.13
N ALA A 269 22.81 4.37 1.76
CA ALA A 269 24.11 4.96 2.04
C ALA A 269 24.27 6.32 1.35
N GLU A 270 23.71 6.48 0.14
CA GLU A 270 23.80 7.82 -0.45
C GLU A 270 22.78 8.80 0.14
N PHE A 271 21.60 8.33 0.52
CA PHE A 271 20.64 9.18 1.23
C PHE A 271 21.21 9.59 2.59
N GLN A 272 22.07 8.77 3.18
CA GLN A 272 22.68 9.12 4.46
C GLN A 272 23.74 10.20 4.26
N LYS A 273 24.58 10.02 3.25
CA LYS A 273 25.53 11.05 2.89
C LYS A 273 24.81 12.37 2.67
N ASN A 274 23.81 12.40 1.79
CA ASN A 274 23.11 13.65 1.47
C ASN A 274 22.38 14.37 2.63
N ASN A 275 21.92 13.61 3.62
CA ASN A 275 20.86 14.12 4.53
C ASN A 275 21.19 14.14 6.00
N LEU A 276 22.24 13.43 6.40
CA LEU A 276 22.66 13.40 7.81
C LEU A 276 24.04 14.04 8.04
N LYS B 2 -31.36 -1.30 -3.86
CA LYS B 2 -31.29 -0.29 -4.94
C LYS B 2 -30.61 0.99 -4.48
N ILE B 3 -31.09 1.66 -3.43
CA ILE B 3 -30.42 2.94 -3.06
C ILE B 3 -29.50 2.86 -1.83
N LEU B 4 -28.20 3.02 -2.11
CA LEU B 4 -27.14 2.82 -1.11
C LEU B 4 -26.78 4.10 -0.37
N ARG B 5 -27.54 4.43 0.68
CA ARG B 5 -27.35 5.69 1.42
C ARG B 5 -26.48 5.55 2.66
N GLY B 6 -25.86 6.68 3.04
CA GLY B 6 -24.90 6.67 4.13
C GLY B 6 -25.23 7.47 5.36
N GLU B 7 -26.41 8.07 5.41
CA GLU B 7 -26.77 8.85 6.58
C GLU B 7 -27.14 7.94 7.76
N GLU B 8 -27.83 6.83 7.47
CA GLU B 8 -28.14 5.81 8.49
C GLU B 8 -26.85 5.28 9.10
N ILE B 9 -25.81 5.19 8.26
CA ILE B 9 -24.56 4.56 8.59
C ILE B 9 -23.74 5.48 9.47
N ALA B 10 -23.80 6.77 9.16
CA ALA B 10 -23.06 7.80 9.88
C ALA B 10 -23.68 8.01 11.25
N GLU B 11 -25.01 8.10 11.25
CA GLU B 11 -25.76 8.20 12.48
C GLU B 11 -25.43 7.03 13.39
N LYS B 12 -25.47 5.80 12.87
CA LYS B 12 -25.14 4.63 13.69
C LYS B 12 -23.69 4.59 14.18
N LYS B 13 -22.75 4.97 13.33
CA LYS B 13 -21.35 5.08 13.70
C LYS B 13 -21.14 6.15 14.78
N ALA B 14 -21.90 7.23 14.71
CA ALA B 14 -21.75 8.28 15.69
C ALA B 14 -22.22 7.80 17.09
N GLU B 15 -23.35 7.09 17.15
CA GLU B 15 -23.80 6.48 18.39
C GLU B 15 -22.74 5.52 18.95
N ASN B 16 -22.30 4.56 18.16
CA ASN B 16 -21.22 3.71 18.59
C ASN B 16 -20.00 4.52 19.09
N LEU B 17 -19.61 5.57 18.37
CA LEU B 17 -18.51 6.41 18.85
C LEU B 17 -18.70 6.95 20.26
N HIS B 18 -19.90 7.49 20.52
CA HIS B 18 -20.29 7.98 21.83
C HIS B 18 -20.11 6.95 22.95
N GLY B 19 -20.79 5.80 22.81
CA GLY B 19 -20.59 4.64 23.69
C GLY B 19 -19.12 4.34 23.97
N ILE B 20 -18.30 4.32 22.93
CA ILE B 20 -16.86 4.13 23.07
C ILE B 20 -16.17 5.21 23.90
N ILE B 21 -16.70 6.43 23.87
CA ILE B 21 -16.15 7.52 24.66
C ILE B 21 -16.56 7.41 26.15
N GLU B 22 -17.86 7.24 26.44
CA GLU B 22 -18.34 6.91 27.81
C GLU B 22 -17.48 5.82 28.42
N ARG B 23 -17.44 4.68 27.74
CA ARG B 23 -16.94 3.43 28.31
C ARG B 23 -15.43 3.38 28.39
N SER B 24 -14.79 4.54 28.26
CA SER B 24 -13.36 4.61 28.59
C SER B 24 -12.97 5.98 29.10
N GLY B 25 -13.96 6.85 29.25
CA GLY B 25 -13.80 8.19 29.82
C GLY B 25 -12.69 9.03 29.20
N LEU B 26 -12.55 8.95 27.88
CA LEU B 26 -11.63 9.80 27.12
C LEU B 26 -12.28 11.16 26.83
N GLU B 27 -11.45 12.19 26.74
CA GLU B 27 -11.87 13.50 26.22
C GLU B 27 -11.00 13.80 24.98
N PRO B 28 -11.36 13.19 23.83
CA PRO B 28 -10.50 13.38 22.67
C PRO B 28 -10.67 14.79 22.11
N SER B 29 -9.56 15.30 21.60
CA SER B 29 -9.56 16.61 21.04
C SER B 29 -8.83 16.55 19.71
N LEU B 30 -9.42 17.21 18.71
CA LEU B 30 -8.84 17.27 17.37
C LEU B 30 -8.57 18.70 16.90
N LYS B 31 -7.31 18.95 16.54
CA LYS B 31 -6.99 20.24 15.91
C LYS B 31 -7.15 20.23 14.40
N LEU B 32 -7.88 21.22 13.90
CA LEU B 32 -7.95 21.46 12.46
C LEU B 32 -7.16 22.71 12.13
N ILE B 33 -6.50 22.67 10.97
CA ILE B 33 -5.85 23.85 10.41
C ILE B 33 -6.39 24.05 8.98
N GLN B 34 -7.00 25.22 8.72
CA GLN B 34 -7.34 25.58 7.35
C GLN B 34 -6.56 26.80 6.93
N ILE B 35 -5.85 26.71 5.80
CA ILE B 35 -5.12 27.85 5.25
C ILE B 35 -5.79 28.26 3.95
N GLY B 36 -6.69 29.24 4.07
CA GLY B 36 -7.35 29.80 2.90
C GLY B 36 -8.81 29.93 3.13
N ASP B 37 -9.53 30.31 2.08
CA ASP B 37 -10.94 30.57 2.20
C ASP B 37 -11.75 29.57 1.39
N ASN B 38 -11.26 28.34 1.21
CA ASN B 38 -11.99 27.36 0.43
C ASN B 38 -13.32 26.96 1.06
N GLU B 39 -14.35 27.07 0.23
CA GLU B 39 -15.73 26.74 0.58
C GLU B 39 -16.01 25.29 1.08
N ALA B 40 -15.59 24.28 0.31
CA ALA B 40 -15.81 22.89 0.72
C ALA B 40 -15.07 22.55 2.02
N ALA B 41 -13.85 23.04 2.15
CA ALA B 41 -13.04 22.74 3.32
C ALA B 41 -13.71 23.21 4.59
N SER B 42 -14.24 24.45 4.54
CA SER B 42 -14.99 25.07 5.66
C SER B 42 -16.25 24.30 6.01
N ILE B 43 -17.00 23.88 5.01
CA ILE B 43 -18.12 22.98 5.27
C ILE B 43 -17.70 21.70 6.01
N TYR B 44 -16.74 21.00 5.43
CA TYR B 44 -16.17 19.81 6.02
C TYR B 44 -15.72 20.07 7.47
N ALA B 45 -14.99 21.16 7.70
CA ALA B 45 -14.47 21.45 9.02
C ALA B 45 -15.59 21.67 10.04
N ARG B 46 -16.65 22.33 9.62
CA ARG B 46 -17.79 22.65 10.47
C ARG B 46 -18.57 21.38 10.78
N ALA B 47 -18.63 20.48 9.80
CA ALA B 47 -19.26 19.17 10.00
C ALA B 47 -18.56 18.30 11.08
N LYS B 48 -17.25 18.14 10.98
CA LYS B 48 -16.39 17.65 12.05
C LYS B 48 -16.61 18.37 13.39
N ILE B 49 -16.62 19.70 13.42
CA ILE B 49 -16.80 20.41 14.69
C ILE B 49 -18.13 20.01 15.31
N ARG B 50 -19.18 20.03 14.47
CA ARG B 50 -20.57 19.90 14.86
C ARG B 50 -20.89 18.48 15.28
N ARG B 51 -20.52 17.50 14.48
CA ARG B 51 -20.68 16.09 14.88
C ARG B 51 -19.81 15.78 16.12
N GLY B 52 -18.60 16.31 16.13
CA GLY B 52 -17.76 16.22 17.30
C GLY B 52 -18.46 16.69 18.57
N LYS B 53 -19.18 17.80 18.47
CA LYS B 53 -19.89 18.36 19.64
C LYS B 53 -20.91 17.38 20.19
N LYS B 54 -21.75 16.84 19.28
CA LYS B 54 -22.75 15.80 19.55
C LYS B 54 -22.21 14.52 20.25
N ILE B 55 -20.99 14.10 19.89
CA ILE B 55 -20.42 12.78 20.23
C ILE B 55 -19.50 12.81 21.46
N GLY B 56 -18.93 13.98 21.76
CA GLY B 56 -18.12 14.16 22.96
C GLY B 56 -16.64 14.37 22.67
N ILE B 57 -16.34 14.70 21.43
CA ILE B 57 -14.98 15.04 21.02
C ILE B 57 -14.86 16.56 20.86
N ALA B 58 -13.84 17.17 21.45
CA ALA B 58 -13.55 18.59 21.22
C ALA B 58 -12.80 18.77 19.90
N VAL B 59 -13.44 19.43 18.95
CA VAL B 59 -12.81 19.72 17.66
C VAL B 59 -12.74 21.22 17.59
N ASP B 60 -11.55 21.75 17.37
CA ASP B 60 -11.32 23.20 17.31
C ASP B 60 -10.61 23.50 15.97
N LEU B 61 -10.92 24.64 15.35
CA LEU B 61 -10.43 25.00 14.01
C LEU B 61 -9.59 26.26 14.04
N GLU B 62 -8.50 26.24 13.29
CA GLU B 62 -7.55 27.35 13.25
C GLU B 62 -7.42 27.87 11.85
N LYS B 63 -8.17 28.90 11.51
CA LYS B 63 -8.10 29.49 10.16
C LYS B 63 -6.84 30.33 9.94
N TYR B 64 -6.39 30.38 8.69
CA TYR B 64 -5.33 31.30 8.31
C TYR B 64 -5.63 31.87 6.92
N ASP B 65 -5.12 33.06 6.67
CA ASP B 65 -5.25 33.69 5.35
C ASP B 65 -3.93 33.42 4.64
N ASP B 66 -2.87 33.55 5.42
CA ASP B 66 -1.54 33.70 4.88
C ASP B 66 -0.61 33.13 5.93
N ILE B 67 -0.13 31.93 5.69
CA ILE B 67 0.83 31.35 6.59
C ILE B 67 2.12 31.03 5.83
N SER B 68 3.25 31.11 6.53
CA SER B 68 4.53 30.69 5.96
C SER B 68 4.63 29.18 6.17
N MET B 69 5.41 28.49 5.35
CA MET B 69 5.69 27.08 5.60
C MET B 69 6.33 26.89 6.97
N LYS B 70 7.27 27.76 7.29
CA LYS B 70 8.10 27.63 8.50
C LYS B 70 7.30 27.72 9.79
N ASP B 71 6.32 28.63 9.84
CA ASP B 71 5.49 28.83 11.03
C ASP B 71 4.51 27.68 11.22
N LEU B 72 3.95 27.23 10.09
CA LEU B 72 3.04 26.11 10.03
C LEU B 72 3.74 24.90 10.56
N LEU B 73 4.97 24.67 10.07
CA LEU B 73 5.80 23.55 10.51
C LEU B 73 6.08 23.61 12.01
N LYS B 74 6.31 24.82 12.51
CA LYS B 74 6.49 25.07 13.94
C LYS B 74 5.18 24.72 14.66
N ARG B 75 4.09 25.34 14.24
CA ARG B 75 2.79 25.13 14.84
C ARG B 75 2.46 23.64 14.97
N ILE B 76 2.77 22.87 13.92
CA ILE B 76 2.57 21.41 13.90
C ILE B 76 3.47 20.64 14.89
N ASP B 77 4.72 21.06 14.99
CA ASP B 77 5.61 20.47 16.01
C ASP B 77 5.07 20.81 17.43
N ASP B 78 4.54 22.02 17.62
CA ASP B 78 3.95 22.41 18.91
C ASP B 78 2.73 21.56 19.26
N LEU B 79 1.79 21.48 18.32
CA LEU B 79 0.61 20.61 18.44
C LEU B 79 0.94 19.14 18.64
N ALA B 80 1.98 18.66 17.96
CA ALA B 80 2.47 17.27 18.12
C ALA B 80 3.05 16.95 19.51
N LYS B 81 3.83 17.88 20.07
CA LYS B 81 4.46 17.70 21.39
C LYS B 81 3.46 17.80 22.55
N ASP B 82 2.30 18.38 22.27
CA ASP B 82 1.26 18.63 23.25
C ASP B 82 0.37 17.42 23.51
N PRO B 83 0.47 16.83 24.70
CA PRO B 83 -0.23 15.58 24.97
C PRO B 83 -1.76 15.75 25.08
N GLN B 84 -2.24 16.99 25.13
CA GLN B 84 -3.68 17.20 25.26
C GLN B 84 -4.32 17.46 23.89
N ILE B 85 -3.50 17.38 22.86
CA ILE B 85 -4.07 17.37 21.53
C ILE B 85 -3.87 15.99 20.93
N ASN B 86 -4.97 15.27 20.70
CA ASN B 86 -4.86 13.90 20.19
C ASN B 86 -4.88 13.78 18.67
N GLY B 87 -5.57 14.70 18.02
CA GLY B 87 -5.68 14.62 16.59
C GLY B 87 -5.17 15.90 16.01
N ILE B 88 -4.54 15.80 14.84
CA ILE B 88 -4.13 16.96 14.00
C ILE B 88 -4.46 16.68 12.53
N MET B 89 -5.14 17.63 11.87
CA MET B 89 -5.49 17.52 10.48
C MET B 89 -5.38 18.86 9.77
N ILE B 90 -4.61 18.86 8.68
CA ILE B 90 -4.62 19.98 7.74
C ILE B 90 -5.64 19.74 6.62
N GLU B 91 -6.54 20.69 6.40
CA GLU B 91 -7.60 20.58 5.41
C GLU B 91 -7.01 20.86 4.05
N ASN B 92 -7.72 20.44 2.98
CA ASN B 92 -7.28 20.64 1.60
C ASN B 92 -8.29 21.43 0.79
N PRO B 93 -7.82 22.19 -0.25
CA PRO B 93 -6.45 22.26 -0.78
C PRO B 93 -5.55 23.26 -0.07
N LEU B 94 -4.36 23.47 -0.61
CA LEU B 94 -3.36 24.31 0.02
C LEU B 94 -2.87 25.46 -0.90
N PRO B 95 -2.11 26.42 -0.32
CA PRO B 95 -1.35 27.33 -1.18
C PRO B 95 -0.44 26.54 -2.12
N LYS B 96 -0.13 27.12 -3.28
CA LYS B 96 0.57 26.37 -4.31
C LYS B 96 1.99 26.04 -3.85
N GLY B 97 2.52 24.91 -4.36
CA GLY B 97 3.87 24.46 -4.03
C GLY B 97 4.00 23.98 -2.59
N PHE B 98 2.90 24.07 -1.84
CA PHE B 98 2.80 23.49 -0.49
C PHE B 98 2.43 22.01 -0.59
N ASP B 99 3.39 21.13 -0.36
CA ASP B 99 3.13 19.70 -0.52
C ASP B 99 2.53 19.07 0.74
N TYR B 100 1.22 18.85 0.69
CA TYR B 100 0.49 18.15 1.74
C TYR B 100 1.29 16.97 2.34
N TYR B 101 1.66 16.00 1.49
CA TYR B 101 2.34 14.76 1.92
C TYR B 101 3.69 14.92 2.61
N GLU B 102 4.35 16.06 2.42
CA GLU B 102 5.55 16.34 3.23
C GLU B 102 5.23 17.03 4.57
N ILE B 103 4.21 17.87 4.61
CA ILE B 103 3.76 18.45 5.87
C ILE B 103 3.32 17.33 6.84
N VAL B 104 2.52 16.41 6.35
CA VAL B 104 1.87 15.37 7.16
C VAL B 104 2.80 14.32 7.82
N ARG B 105 3.92 13.99 7.17
CA ARG B 105 4.96 13.16 7.82
C ARG B 105 5.59 13.81 9.10
N ASN B 106 5.30 15.10 9.34
CA ASN B 106 5.69 15.81 10.56
C ASN B 106 4.68 15.67 11.71
N ILE B 107 3.53 15.08 11.38
CA ILE B 107 2.50 14.75 12.35
C ILE B 107 2.75 13.31 12.79
N PRO B 108 2.83 13.06 14.13
CA PRO B 108 3.02 11.69 14.57
C PRO B 108 1.91 10.83 13.99
N TYR B 109 2.26 9.60 13.61
CA TYR B 109 1.34 8.73 12.92
C TYR B 109 0.11 8.51 13.77
N TYR B 110 0.30 8.66 15.07
CA TYR B 110 -0.76 8.37 16.03
C TYR B 110 -1.58 9.62 16.31
N LYS B 111 -1.24 10.73 15.65
CA LYS B 111 -2.09 11.94 15.65
C LYS B 111 -2.70 12.21 14.26
N ASP B 112 -2.28 11.40 13.29
CA ASP B 112 -2.57 11.66 11.88
C ASP B 112 -3.95 11.09 11.47
N VAL B 113 -5.02 11.81 11.82
CA VAL B 113 -6.40 11.35 11.61
C VAL B 113 -6.85 11.27 10.15
N ASP B 114 -6.23 12.02 9.27
CA ASP B 114 -6.48 11.89 7.86
C ASP B 114 -5.94 10.56 7.28
N ALA B 115 -4.93 9.99 7.95
CA ALA B 115 -4.38 8.65 7.65
C ALA B 115 -3.75 8.57 6.28
N LEU B 116 -3.22 9.69 5.82
CA LEU B 116 -2.59 9.74 4.50
C LEU B 116 -1.09 9.74 4.62
N SER B 117 -0.54 9.79 5.83
CA SER B 117 0.91 9.74 6.03
C SER B 117 1.50 8.34 5.73
N PRO B 118 2.83 8.27 5.44
CA PRO B 118 3.48 7.00 5.09
C PRO B 118 3.29 5.93 6.15
N TYR B 119 3.59 6.27 7.40
CA TYR B 119 3.49 5.24 8.41
C TYR B 119 2.09 4.59 8.42
N ASN B 120 1.01 5.40 8.45
CA ASN B 120 -0.36 4.83 8.40
C ASN B 120 -0.71 4.13 7.06
N GLN B 121 -0.10 4.54 5.95
CA GLN B 121 -0.32 3.85 4.68
C GLN B 121 0.32 2.50 4.72
N GLY B 122 1.54 2.47 5.25
CA GLY B 122 2.25 1.23 5.44
C GLY B 122 1.48 0.26 6.31
N LEU B 123 1.04 0.67 7.51
CA LEU B 123 0.20 -0.24 8.35
C LEU B 123 -1.03 -0.76 7.60
N ILE B 124 -1.64 0.05 6.75
CA ILE B 124 -2.78 -0.50 5.96
C ILE B 124 -2.26 -1.61 5.06
N ALA B 125 -1.29 -1.30 4.21
CA ALA B 125 -0.61 -2.30 3.36
C ALA B 125 -0.19 -3.54 4.12
N LEU B 126 0.23 -3.37 5.38
CA LEU B 126 0.73 -4.49 6.14
C LEU B 126 -0.34 -5.29 6.85
N ASN B 127 -1.60 -4.95 6.59
CA ASN B 127 -2.77 -5.53 7.28
C ASN B 127 -2.74 -5.28 8.80
N ARG B 128 -2.21 -4.12 9.17
CA ARG B 128 -2.17 -3.76 10.59
C ARG B 128 -2.78 -2.37 10.75
N GLU B 129 -3.98 -2.24 10.19
CA GLU B 129 -4.67 -0.97 10.14
C GLU B 129 -4.75 -0.37 11.53
N PHE B 130 -4.47 0.93 11.58
CA PHE B 130 -4.67 1.67 12.81
C PHE B 130 -5.59 2.86 12.40
N LEU B 131 -5.04 4.00 12.08
CA LEU B 131 -5.85 5.12 11.68
C LEU B 131 -6.00 4.93 10.19
N VAL B 132 -7.24 4.98 9.69
CA VAL B 132 -7.50 4.77 8.25
C VAL B 132 -8.17 5.97 7.52
N PRO B 133 -7.87 6.16 6.20
CA PRO B 133 -8.42 7.38 5.61
C PRO B 133 -9.93 7.25 5.47
N ALA B 134 -10.61 8.38 5.48
CA ALA B 134 -12.03 8.44 5.70
C ALA B 134 -12.93 8.01 4.52
N THR B 135 -12.47 8.29 3.29
CA THR B 135 -13.24 7.97 2.09
C THR B 135 -13.19 6.47 1.79
N PRO B 136 -11.98 5.87 1.81
CA PRO B 136 -11.99 4.41 1.70
C PRO B 136 -12.78 3.76 2.83
N ARG B 137 -12.61 4.21 4.08
CA ARG B 137 -13.41 3.68 5.18
C ARG B 137 -14.90 3.79 4.88
N ALA B 138 -15.30 4.87 4.22
CA ALA B 138 -16.70 5.11 4.00
C ALA B 138 -17.25 4.14 2.97
N VAL B 139 -16.41 3.83 1.96
CA VAL B 139 -16.73 2.83 0.96
C VAL B 139 -16.97 1.50 1.65
N ILE B 140 -16.05 1.13 2.52
CA ILE B 140 -16.15 -0.12 3.25
C ILE B 140 -17.36 -0.13 4.24
N ASP B 141 -17.69 1.03 4.85
CA ASP B 141 -18.95 1.19 5.58
C ASP B 141 -20.20 0.82 4.74
N ILE B 142 -20.26 1.31 3.51
CA ILE B 142 -21.43 1.08 2.65
C ILE B 142 -21.55 -0.39 2.31
N MET B 143 -20.45 -0.95 1.80
CA MET B 143 -20.38 -2.37 1.49
C MET B 143 -20.78 -3.27 2.70
N ASP B 144 -20.42 -2.88 3.91
CA ASP B 144 -20.69 -3.69 5.09
C ASP B 144 -22.16 -3.69 5.45
N TYR B 145 -22.63 -2.49 5.75
CA TYR B 145 -24.00 -2.18 6.03
C TYR B 145 -25.01 -2.81 5.06
N TYR B 146 -24.66 -2.86 3.78
CA TYR B 146 -25.59 -3.35 2.76
C TYR B 146 -25.39 -4.81 2.32
N GLY B 147 -24.59 -5.54 3.09
CA GLY B 147 -24.39 -6.98 2.93
C GLY B 147 -23.31 -7.49 1.98
N TYR B 148 -22.56 -6.58 1.36
CA TYR B 148 -21.62 -6.97 0.29
C TYR B 148 -20.25 -7.35 0.84
N HIS B 149 -20.08 -8.65 1.10
CA HIS B 149 -18.88 -9.18 1.72
C HIS B 149 -18.09 -10.06 0.73
N GLU B 150 -16.75 -10.03 0.85
CA GLU B 150 -15.78 -10.76 -0.02
C GLU B 150 -16.18 -10.87 -1.47
N ASN B 151 -16.30 -9.75 -2.17
CA ASN B 151 -16.65 -9.76 -3.59
C ASN B 151 -15.45 -9.36 -4.46
N THR B 152 -15.63 -9.51 -5.77
CA THR B 152 -14.73 -8.90 -6.71
C THR B 152 -15.00 -7.42 -6.70
N VAL B 153 -13.94 -6.62 -6.68
CA VAL B 153 -14.11 -5.19 -6.73
C VAL B 153 -13.27 -4.62 -7.87
N THR B 154 -13.79 -3.67 -8.62
CA THR B 154 -12.99 -2.87 -9.60
C THR B 154 -13.00 -1.41 -9.17
N ILE B 155 -11.86 -0.92 -8.68
CA ILE B 155 -11.75 0.48 -8.28
C ILE B 155 -11.24 1.23 -9.48
N VAL B 156 -11.92 2.34 -9.85
CA VAL B 156 -11.42 3.16 -10.95
C VAL B 156 -10.89 4.44 -10.36
N ASN B 157 -9.62 4.40 -9.95
CA ASN B 157 -8.94 5.46 -9.22
C ASN B 157 -7.73 4.85 -8.61
N ARG B 158 -6.56 5.47 -8.85
CA ARG B 158 -5.31 5.10 -8.19
C ARG B 158 -4.66 6.19 -7.34
N SER B 159 -5.45 7.10 -6.76
CA SER B 159 -4.87 8.17 -5.95
C SER B 159 -4.63 7.70 -4.52
N PRO B 160 -3.75 8.39 -3.75
CA PRO B 160 -3.49 7.90 -2.41
C PRO B 160 -4.57 8.25 -1.44
N VAL B 161 -5.54 9.06 -1.84
CA VAL B 161 -6.63 9.41 -0.93
C VAL B 161 -7.80 8.40 -1.04
N VAL B 162 -7.88 7.66 -2.15
CA VAL B 162 -9.03 6.80 -2.39
C VAL B 162 -8.59 5.39 -2.80
N GLY B 163 -8.37 5.16 -4.10
CA GLY B 163 -8.08 3.82 -4.60
C GLY B 163 -6.87 3.12 -4.00
N ARG B 164 -5.84 3.82 -3.57
CA ARG B 164 -4.70 3.09 -3.02
C ARG B 164 -4.99 2.58 -1.57
N PRO B 165 -5.30 3.48 -0.63
CA PRO B 165 -5.61 2.89 0.65
C PRO B 165 -6.76 1.91 0.50
N LEU B 166 -7.62 2.15 -0.48
CA LEU B 166 -8.84 1.37 -0.54
C LEU B 166 -8.53 -0.04 -1.02
N SER B 167 -7.63 -0.14 -1.98
CA SER B 167 -7.25 -1.45 -2.47
C SER B 167 -6.73 -2.23 -1.30
N MET B 168 -5.84 -1.64 -0.51
CA MET B 168 -5.28 -2.33 0.63
C MET B 168 -6.34 -2.73 1.67
N MET B 169 -7.28 -1.83 1.99
CA MET B 169 -8.31 -2.12 2.97
C MET B 169 -9.33 -3.19 2.53
N LEU B 170 -9.50 -3.36 1.23
CA LEU B 170 -10.38 -4.38 0.73
C LEU B 170 -9.68 -5.71 0.77
N LEU B 171 -8.39 -5.72 0.48
CA LEU B 171 -7.65 -6.96 0.59
C LEU B 171 -7.60 -7.49 2.06
N ASN B 172 -7.42 -6.59 3.02
CA ASN B 172 -7.43 -7.00 4.43
C ASN B 172 -8.74 -7.67 4.83
N ARG B 173 -9.78 -7.50 4.00
CA ARG B 173 -11.13 -7.98 4.31
C ARG B 173 -11.56 -8.96 3.25
N ASN B 174 -10.58 -9.56 2.58
CA ASN B 174 -10.85 -10.69 1.70
C ASN B 174 -11.56 -10.39 0.37
N TYR B 175 -11.67 -9.14 -0.01
CA TYR B 175 -12.23 -8.88 -1.34
C TYR B 175 -11.18 -9.18 -2.35
N THR B 176 -11.59 -9.50 -3.58
CA THR B 176 -10.61 -9.54 -4.68
C THR B 176 -10.64 -8.19 -5.40
N VAL B 177 -9.47 -7.59 -5.65
CA VAL B 177 -9.35 -6.18 -6.09
C VAL B 177 -8.72 -5.95 -7.50
N SER B 178 -9.35 -5.11 -8.29
CA SER B 178 -8.74 -4.64 -9.51
C SER B 178 -8.61 -3.14 -9.42
N VAL B 179 -7.54 -2.60 -9.94
CA VAL B 179 -7.36 -1.17 -9.88
C VAL B 179 -7.07 -0.62 -11.25
N CYS B 180 -7.88 0.35 -11.69
CA CYS B 180 -7.61 1.04 -12.96
C CYS B 180 -7.67 2.53 -12.92
N HIS B 181 -7.36 3.11 -14.08
CA HIS B 181 -6.95 4.51 -14.16
C HIS B 181 -6.84 4.92 -15.62
N SER B 182 -6.31 6.13 -15.90
CA SER B 182 -6.41 6.71 -17.27
C SER B 182 -5.62 6.00 -18.36
N LYS B 183 -4.77 5.07 -17.95
CA LYS B 183 -3.78 4.40 -18.78
C LYS B 183 -4.21 2.91 -18.93
N THR B 184 -5.33 2.55 -18.30
CA THR B 184 -5.97 1.27 -18.60
C THR B 184 -6.63 1.33 -19.98
N LYS B 185 -6.29 0.34 -20.81
CA LYS B 185 -6.73 0.23 -22.20
C LYS B 185 -8.23 -0.06 -22.40
N ASP B 186 -8.82 -0.92 -21.56
CA ASP B 186 -10.25 -1.27 -21.67
C ASP B 186 -10.80 -1.33 -20.28
N ILE B 187 -11.47 -0.27 -19.86
CA ILE B 187 -11.94 -0.18 -18.48
C ILE B 187 -13.22 -0.98 -18.28
N GLY B 188 -14.13 -0.83 -19.25
CA GLY B 188 -15.42 -1.52 -19.18
C GLY B 188 -15.31 -3.02 -19.05
N SER B 189 -14.33 -3.56 -19.75
CA SER B 189 -14.00 -4.96 -19.66
C SER B 189 -13.80 -5.36 -18.20
N MET B 190 -13.19 -4.47 -17.43
CA MET B 190 -12.80 -4.78 -16.03
C MET B 190 -13.86 -4.41 -15.02
N THR B 191 -14.58 -3.33 -15.28
CA THR B 191 -15.69 -2.99 -14.42
C THR B 191 -16.83 -3.99 -14.60
N ARG B 192 -17.10 -4.43 -15.84
CA ARG B 192 -18.22 -5.40 -16.06
C ARG B 192 -17.97 -6.76 -15.45
N SER B 193 -16.71 -7.09 -15.09
CA SER B 193 -16.41 -8.40 -14.52
C SER B 193 -16.35 -8.47 -13.00
N SER B 194 -16.53 -7.34 -12.32
CA SER B 194 -16.60 -7.28 -10.84
C SER B 194 -18.04 -7.14 -10.33
N LYS B 195 -18.31 -7.74 -9.18
CA LYS B 195 -19.62 -7.54 -8.59
C LYS B 195 -19.77 -6.06 -8.24
N ILE B 196 -18.68 -5.48 -7.73
CA ILE B 196 -18.69 -4.12 -7.21
C ILE B 196 -17.76 -3.22 -8.01
N VAL B 197 -18.28 -2.08 -8.45
CA VAL B 197 -17.48 -1.07 -9.10
C VAL B 197 -17.50 0.16 -8.23
N VAL B 198 -16.30 0.61 -7.80
CA VAL B 198 -16.08 1.88 -7.09
C VAL B 198 -15.49 2.91 -8.08
N VAL B 199 -16.20 4.00 -8.37
CA VAL B 199 -15.70 5.09 -9.26
C VAL B 199 -15.34 6.35 -8.55
N ALA B 200 -14.20 6.91 -8.90
CA ALA B 200 -13.75 8.16 -8.32
C ALA B 200 -12.75 8.80 -9.27
N VAL B 201 -13.21 9.09 -10.49
CA VAL B 201 -12.43 9.72 -11.57
C VAL B 201 -12.68 11.23 -11.74
N GLY B 202 -13.71 11.73 -11.05
CA GLY B 202 -14.22 13.11 -11.16
C GLY B 202 -14.61 13.56 -12.57
N ARG B 203 -15.47 12.79 -13.25
CA ARG B 203 -15.89 13.12 -14.60
C ARG B 203 -17.36 12.75 -14.72
N PRO B 204 -18.26 13.77 -14.79
CA PRO B 204 -19.69 13.50 -14.91
C PRO B 204 -20.00 12.61 -16.08
N GLY B 205 -20.81 11.57 -15.82
CA GLY B 205 -21.29 10.68 -16.86
C GLY B 205 -20.23 9.70 -17.30
N PHE B 206 -19.12 9.61 -16.55
CA PHE B 206 -18.06 8.67 -16.87
C PHE B 206 -18.53 7.22 -16.84
N LEU B 207 -19.23 6.83 -15.79
CA LEU B 207 -19.65 5.45 -15.64
C LEU B 207 -21.04 5.30 -16.25
N ASN B 208 -21.09 4.72 -17.43
CA ASN B 208 -22.39 4.55 -18.10
C ASN B 208 -22.80 3.08 -18.24
N ARG B 209 -24.01 2.86 -18.74
CA ARG B 209 -24.63 1.51 -18.89
C ARG B 209 -23.75 0.45 -19.57
N GLU B 210 -22.90 0.85 -20.52
CA GLU B 210 -22.05 -0.11 -21.23
C GLU B 210 -20.92 -0.73 -20.35
N MET B 211 -20.56 -0.07 -19.24
CA MET B 211 -19.50 -0.59 -18.38
C MET B 211 -19.92 -1.33 -17.07
N VAL B 212 -21.20 -1.56 -16.88
CA VAL B 212 -21.72 -2.33 -15.76
C VAL B 212 -22.77 -3.36 -16.22
N THR B 213 -23.24 -4.14 -15.25
CA THR B 213 -24.22 -5.21 -15.49
C THR B 213 -25.42 -5.16 -14.50
N PRO B 214 -26.48 -5.96 -14.76
CA PRO B 214 -27.60 -5.99 -13.78
C PRO B 214 -27.21 -6.41 -12.36
N GLY B 215 -26.15 -7.23 -12.24
CA GLY B 215 -25.65 -7.71 -10.94
C GLY B 215 -24.72 -6.72 -10.26
N SER B 216 -24.45 -5.59 -10.94
CA SER B 216 -23.42 -4.64 -10.53
C SER B 216 -23.79 -3.79 -9.33
N VAL B 217 -22.79 -3.43 -8.53
CA VAL B 217 -23.00 -2.56 -7.39
C VAL B 217 -22.06 -1.39 -7.59
N VAL B 218 -22.67 -0.23 -7.87
CA VAL B 218 -21.94 0.99 -8.12
C VAL B 218 -21.82 1.87 -6.86
N ILE B 219 -20.58 2.14 -6.45
CA ILE B 219 -20.29 3.12 -5.38
C ILE B 219 -19.53 4.30 -5.97
N ASP B 220 -20.19 5.44 -5.88
CA ASP B 220 -19.86 6.61 -6.67
C ASP B 220 -19.24 7.64 -5.78
N VAL B 221 -17.95 7.82 -5.98
CA VAL B 221 -17.15 8.56 -5.05
C VAL B 221 -16.84 9.96 -5.64
N GLY B 222 -16.94 10.08 -6.95
CA GLY B 222 -16.83 11.38 -7.59
C GLY B 222 -17.71 12.45 -6.92
N ILE B 223 -17.19 13.66 -6.84
CA ILE B 223 -18.01 14.83 -6.51
C ILE B 223 -17.82 15.83 -7.63
N ASN B 224 -18.87 16.03 -8.42
CA ASN B 224 -18.81 16.95 -9.56
C ASN B 224 -19.90 17.99 -9.58
N TYR B 225 -19.54 19.17 -10.07
CA TYR B 225 -20.46 20.32 -10.12
C TYR B 225 -20.87 20.63 -11.56
N VAL B 226 -22.15 20.55 -11.86
CA VAL B 226 -22.68 21.02 -13.13
C VAL B 226 -24.01 21.71 -12.90
N ASN B 227 -24.22 22.86 -13.54
CA ASN B 227 -25.42 23.67 -13.32
C ASN B 227 -25.71 23.90 -11.84
N ASP B 228 -24.64 24.23 -11.12
CA ASP B 228 -24.67 24.51 -9.66
C ASP B 228 -25.23 23.33 -8.84
N LYS B 229 -25.91 22.43 -9.56
CA LYS B 229 -26.35 21.11 -9.15
C LYS B 229 -25.08 20.29 -8.83
N VAL B 230 -25.13 19.39 -7.85
CA VAL B 230 -23.97 18.49 -7.58
C VAL B 230 -24.20 17.02 -7.89
N VAL B 231 -23.25 16.46 -8.62
CA VAL B 231 -23.39 15.16 -9.25
C VAL B 231 -22.14 14.29 -9.10
N GLY B 232 -22.33 12.98 -9.22
CA GLY B 232 -21.27 11.98 -9.13
C GLY B 232 -20.56 11.72 -10.43
N ASP B 233 -19.95 10.55 -10.54
CA ASP B 233 -19.23 10.14 -11.72
C ASP B 233 -20.10 9.19 -12.49
N ALA B 234 -21.04 8.56 -11.79
CA ALA B 234 -21.94 7.65 -12.43
C ALA B 234 -23.12 8.34 -13.12
N ASN B 235 -23.80 7.59 -13.96
CA ASN B 235 -24.96 8.13 -14.59
C ASN B 235 -26.16 7.60 -13.86
N PHE B 236 -26.47 8.28 -12.76
CA PHE B 236 -27.36 7.76 -11.77
C PHE B 236 -28.76 7.44 -12.24
N GLU B 237 -29.43 8.35 -12.97
CA GLU B 237 -30.85 8.15 -13.29
C GLU B 237 -30.95 6.92 -14.18
N ASP B 238 -29.94 6.80 -15.04
CA ASP B 238 -29.81 5.69 -15.94
C ASP B 238 -29.51 4.37 -15.25
N LEU B 239 -28.54 4.39 -14.36
CA LEU B 239 -28.08 3.18 -13.74
C LEU B 239 -28.99 2.64 -12.63
N SER B 240 -29.78 3.52 -12.03
CA SER B 240 -30.68 3.14 -10.92
C SER B 240 -31.67 2.06 -11.30
N GLU B 241 -32.14 2.08 -12.54
CA GLU B 241 -33.17 1.12 -12.95
C GLU B 241 -32.59 -0.25 -13.27
N TYR B 242 -31.34 -0.21 -13.76
CA TYR B 242 -30.64 -1.32 -14.40
C TYR B 242 -29.78 -2.15 -13.45
N VAL B 243 -28.91 -1.49 -12.72
CA VAL B 243 -27.94 -2.08 -11.82
C VAL B 243 -28.59 -2.61 -10.52
N GLU B 244 -27.94 -3.50 -9.80
CA GLU B 244 -28.56 -4.03 -8.59
C GLU B 244 -28.65 -3.04 -7.43
N ALA B 245 -27.59 -2.26 -7.21
CA ALA B 245 -27.58 -1.25 -6.13
C ALA B 245 -26.63 -0.14 -6.50
N ILE B 246 -26.91 1.06 -6.04
CA ILE B 246 -26.08 2.21 -6.41
C ILE B 246 -26.16 3.32 -5.36
N THR B 247 -25.05 4.06 -5.20
CA THR B 247 -25.02 5.15 -4.22
C THR B 247 -25.44 6.45 -4.89
N PRO B 248 -26.30 7.22 -4.21
CA PRO B 248 -26.65 8.56 -4.68
C PRO B 248 -25.53 9.57 -4.40
N VAL B 249 -25.37 10.53 -5.32
CA VAL B 249 -24.51 11.70 -5.05
C VAL B 249 -25.43 12.95 -5.16
N PRO B 250 -25.53 13.73 -4.09
CA PRO B 250 -24.89 13.48 -2.80
C PRO B 250 -25.71 12.44 -2.03
N GLY B 251 -25.26 12.02 -0.86
CA GLY B 251 -26.05 11.12 -0.03
C GLY B 251 -25.60 9.68 0.10
N GLY B 252 -24.61 9.25 -0.71
CA GLY B 252 -24.04 7.90 -0.57
C GLY B 252 -22.85 7.81 0.41
N VAL B 253 -21.62 7.77 -0.12
CA VAL B 253 -20.41 7.90 0.70
C VAL B 253 -20.34 9.25 1.43
N GLY B 254 -20.76 10.31 0.75
CA GLY B 254 -20.58 11.66 1.28
C GLY B 254 -20.87 11.84 2.78
N PRO B 255 -22.09 11.48 3.22
CA PRO B 255 -22.44 11.74 4.63
C PRO B 255 -21.53 11.07 5.71
N ILE B 256 -20.77 10.03 5.35
CA ILE B 256 -19.96 9.27 6.33
C ILE B 256 -18.57 9.90 6.63
N THR B 257 -18.04 10.72 5.71
CA THR B 257 -16.66 11.20 5.77
C THR B 257 -16.26 11.84 7.10
N ALA B 258 -16.96 12.92 7.45
CA ALA B 258 -16.58 13.68 8.62
C ALA B 258 -16.48 12.75 9.82
N THR B 259 -17.47 11.87 9.97
CA THR B 259 -17.58 10.97 11.11
C THR B 259 -16.41 9.95 11.15
N ASN B 260 -15.98 9.49 9.98
CA ASN B 260 -14.81 8.61 9.87
C ASN B 260 -13.51 9.24 10.38
N ILE B 261 -13.42 10.57 10.37
CA ILE B 261 -12.27 11.31 10.80
C ILE B 261 -12.37 11.38 12.31
N LEU B 262 -13.59 11.52 12.76
CA LEU B 262 -13.87 11.51 14.17
C LEU B 262 -13.60 10.08 14.74
N GLU B 263 -13.92 9.05 13.96
CA GLU B 263 -13.57 7.69 14.32
C GLU B 263 -12.06 7.53 14.57
N ASN B 264 -11.23 8.03 13.67
CA ASN B 264 -9.79 7.98 13.85
C ASN B 264 -9.32 8.75 15.09
N VAL B 265 -10.05 9.80 15.45
CA VAL B 265 -9.65 10.65 16.55
C VAL B 265 -9.85 9.97 17.87
N VAL B 266 -10.97 9.24 18.00
CA VAL B 266 -11.20 8.34 19.13
C VAL B 266 -10.07 7.30 19.16
N LYS B 267 -9.92 6.52 18.09
CA LYS B 267 -8.84 5.53 18.01
C LYS B 267 -7.50 6.12 18.47
N ALA B 268 -7.25 7.36 18.02
CA ALA B 268 -6.00 8.08 18.25
C ALA B 268 -5.81 8.44 19.71
N ALA B 269 -6.94 8.66 20.39
CA ALA B 269 -6.99 9.04 21.80
C ALA B 269 -6.81 7.80 22.62
N GLU B 270 -7.57 6.74 22.32
CA GLU B 270 -7.44 5.50 23.06
C GLU B 270 -6.05 4.90 22.87
N PHE B 271 -5.38 5.19 21.76
CA PHE B 271 -3.97 4.77 21.63
C PHE B 271 -3.02 5.55 22.52
N GLN B 272 -3.30 6.84 22.72
CA GLN B 272 -2.37 7.73 23.41
C GLN B 272 -2.39 7.56 24.92
N LYS B 273 -3.55 7.19 25.44
CA LYS B 273 -3.71 6.83 26.85
C LYS B 273 -2.71 5.71 27.25
N ASN B 274 -2.65 4.66 26.42
CA ASN B 274 -1.85 3.47 26.68
C ASN B 274 -0.34 3.63 26.50
N ASN B 275 0.04 4.65 25.72
CA ASN B 275 1.44 4.94 25.36
C ASN B 275 1.93 6.33 25.77
#